data_4NQG
#
_entry.id   4NQG
#
_cell.length_a   48.898
_cell.length_b   69.682
_cell.length_c   49.929
_cell.angle_alpha   90.00
_cell.angle_beta   90.03
_cell.angle_gamma   90.00
#
_symmetry.space_group_name_H-M   'P 1 21 1'
#
loop_
_entity.id
_entity.type
_entity.pdbx_description
1 polymer Mitrocomin
2 non-polymer C2-HYDROPEROXY-COELENTERAZINE
3 water water
#
_entity_poly.entity_id   1
_entity_poly.type   'polypeptide(L)'
_entity_poly.pdbx_seq_one_letter_code
;SMGSRYAVKLDTDFDNPKWIARHKHMFNFLDINSNGQINLNEMVHKASNIICKKLGATEEQTRRHQKCVEDFFGGAGLEY
DKDTTWPEYIEGWKRLAKTELERHSKNRVTLIRLWGDALFDIIDKDGNGSVSLDEWIQYTHCAGIQQSRGQCEATFAHCD
LDGDGKLDVDEMTRQHLGFWYSVDSTCEGLYGGAVPY
;
_entity_poly.pdbx_strand_id   A,B
#
loop_
_chem_comp.id
_chem_comp.type
_chem_comp.name
_chem_comp.formula
CZH non-polymer C2-HYDROPEROXY-COELENTERAZINE 'C26 H21 N3 O5'
#
# COMPACT_ATOMS: atom_id res chain seq x y z
N SER A 1 18.03 -15.14 6.49
CA SER A 1 19.05 -15.23 7.53
C SER A 1 19.89 -16.50 7.40
N MET A 2 19.34 -17.51 6.71
CA MET A 2 20.01 -18.79 6.53
C MET A 2 20.13 -19.23 5.06
N GLY A 3 19.84 -18.34 4.12
CA GLY A 3 19.87 -18.75 2.72
C GLY A 3 18.56 -19.39 2.31
N SER A 4 18.47 -19.84 1.05
CA SER A 4 17.24 -20.37 0.49
C SER A 4 17.13 -21.89 0.60
N ARG A 5 18.22 -22.56 0.96
CA ARG A 5 18.22 -24.02 1.05
C ARG A 5 18.26 -24.48 2.52
N TYR A 6 17.79 -23.61 3.41
CA TYR A 6 17.76 -23.92 4.82
C TYR A 6 16.59 -24.83 5.14
N ALA A 7 16.88 -25.93 5.85
CA ALA A 7 15.86 -26.89 6.25
C ALA A 7 15.16 -26.44 7.53
N VAL A 8 13.84 -26.31 7.42
CA VAL A 8 12.97 -25.90 8.50
C VAL A 8 13.11 -26.79 9.74
N LYS A 9 13.11 -26.14 10.90
CA LYS A 9 12.97 -26.84 12.17
C LYS A 9 11.57 -27.42 12.30
N LEU A 10 11.47 -28.72 12.61
CA LEU A 10 10.15 -29.35 12.63
C LEU A 10 9.66 -29.76 14.00
N ASP A 11 10.43 -29.50 15.05
CA ASP A 11 9.90 -29.78 16.39
C ASP A 11 9.51 -28.50 17.14
N THR A 12 8.68 -28.68 18.15
CA THR A 12 8.07 -27.54 18.84
C THR A 12 8.78 -27.22 20.15
N ASP A 13 8.47 -26.05 20.70
CA ASP A 13 9.10 -25.58 21.92
C ASP A 13 8.08 -24.72 22.65
N PHE A 14 6.96 -25.35 22.99
CA PHE A 14 5.80 -24.60 23.44
C PHE A 14 5.99 -24.02 24.84
N ASP A 15 6.94 -24.54 25.62
CA ASP A 15 7.15 -24.00 26.95
C ASP A 15 8.23 -22.91 26.95
N ASN A 16 8.70 -22.55 25.77
CA ASN A 16 9.68 -21.45 25.68
C ASN A 16 8.96 -20.14 25.90
N PRO A 17 9.43 -19.31 26.87
CA PRO A 17 8.74 -18.05 27.11
C PRO A 17 8.71 -17.12 25.90
N LYS A 18 9.65 -17.27 24.96
CA LYS A 18 9.62 -16.44 23.76
C LYS A 18 8.41 -16.78 22.90
N TRP A 19 8.08 -18.07 22.84
CA TRP A 19 6.92 -18.51 22.05
C TRP A 19 5.61 -17.97 22.66
N ILE A 20 5.50 -18.18 23.98
CA ILE A 20 4.39 -17.66 24.77
CA ILE A 20 4.37 -17.68 24.74
C ILE A 20 4.27 -16.15 24.61
N ALA A 21 5.38 -15.43 24.73
CA ALA A 21 5.36 -13.97 24.64
C ALA A 21 4.94 -13.47 23.26
N ARG A 22 5.39 -14.17 22.19
CA ARG A 22 4.93 -13.78 20.86
C ARG A 22 3.42 -13.86 20.75
N HIS A 23 2.85 -15.02 21.17
CA HIS A 23 1.39 -15.16 21.02
C HIS A 23 0.58 -14.35 22.06
N LYS A 24 1.12 -14.07 23.23
CA LYS A 24 0.44 -13.24 24.22
C LYS A 24 0.42 -11.82 23.72
N HIS A 25 1.53 -11.40 23.10
CA HIS A 25 1.58 -10.08 22.46
C HIS A 25 0.52 -9.97 21.37
N MET A 26 0.46 -10.97 20.47
CA MET A 26 -0.56 -10.90 19.42
C MET A 26 -1.99 -10.99 19.96
N PHE A 27 -2.22 -11.82 20.97
CA PHE A 27 -3.56 -11.92 21.56
C PHE A 27 -3.98 -10.60 22.12
N ASN A 28 -3.11 -9.96 22.88
CA ASN A 28 -3.46 -8.65 23.44
C ASN A 28 -3.67 -7.57 22.37
N PHE A 29 -2.87 -7.65 21.31
CA PHE A 29 -3.03 -6.79 20.13
C PHE A 29 -4.40 -6.97 19.45
N LEU A 30 -4.82 -8.22 19.27
CA LEU A 30 -6.08 -8.56 18.60
C LEU A 30 -7.30 -8.31 19.47
N ASP A 31 -7.09 -8.33 20.79
CA ASP A 31 -8.10 -8.02 21.80
C ASP A 31 -8.20 -6.53 21.87
N ILE A 32 -8.86 -5.98 20.87
CA ILE A 32 -8.88 -4.56 20.60
C ILE A 32 -9.64 -3.80 21.69
N ASN A 33 -10.57 -4.50 22.35
CA ASN A 33 -11.32 -3.87 23.43
C ASN A 33 -10.89 -4.30 24.82
N SER A 34 -9.74 -4.97 24.88
CA SER A 34 -9.16 -5.49 26.12
C SER A 34 -10.14 -6.14 27.08
N ASN A 35 -10.98 -7.02 26.55
CA ASN A 35 -11.93 -7.72 27.41
C ASN A 35 -11.54 -9.20 27.58
N GLY A 36 -10.34 -9.58 27.10
CA GLY A 36 -9.84 -10.93 27.33
C GLY A 36 -10.36 -12.02 26.39
N GLN A 37 -11.04 -11.60 25.33
CA GLN A 37 -11.47 -12.57 24.33
C GLN A 37 -11.46 -12.00 22.92
N ILE A 38 -11.32 -12.90 21.95
CA ILE A 38 -11.39 -12.54 20.54
C ILE A 38 -12.26 -13.56 19.83
N ASN A 39 -12.71 -13.24 18.61
CA ASN A 39 -13.44 -14.21 17.81
C ASN A 39 -13.06 -14.09 16.36
N LEU A 40 -13.52 -15.04 15.56
CA LEU A 40 -13.15 -15.06 14.16
C LEU A 40 -13.76 -13.87 13.37
N ASN A 41 -14.96 -13.42 13.76
CA ASN A 41 -15.59 -12.26 13.09
C ASN A 41 -14.63 -11.07 13.12
N GLU A 42 -14.01 -10.81 14.26
CA GLU A 42 -13.07 -9.68 14.38
C GLU A 42 -11.85 -9.86 13.50
N MET A 43 -11.34 -11.08 13.41
CA MET A 43 -10.19 -11.32 12.57
C MET A 43 -10.51 -11.04 11.10
N VAL A 44 -11.72 -11.48 10.69
CA VAL A 44 -12.10 -11.32 9.30
C VAL A 44 -12.49 -9.87 8.99
N HIS A 45 -13.08 -9.17 9.94
CA HIS A 45 -13.32 -7.76 9.75
C HIS A 45 -12.02 -7.03 9.51
N LYS A 46 -11.02 -7.31 10.36
CA LYS A 46 -9.73 -6.70 10.17
C LYS A 46 -9.15 -7.03 8.78
N ALA A 47 -9.15 -8.32 8.43
CA ALA A 47 -8.61 -8.76 7.18
C ALA A 47 -9.28 -8.16 5.94
N SER A 48 -10.61 -8.24 5.90
CA SER A 48 -11.34 -7.89 4.68
C SER A 48 -11.75 -6.44 4.60
N ASN A 49 -12.24 -5.90 5.70
CA ASN A 49 -12.80 -4.55 5.68
C ASN A 49 -11.78 -3.47 5.92
N ILE A 50 -10.69 -3.80 6.57
CA ILE A 50 -9.63 -2.83 6.78
C ILE A 50 -8.43 -3.09 5.84
N ILE A 51 -7.75 -4.20 6.01
CA ILE A 51 -6.52 -4.45 5.27
C ILE A 51 -6.77 -4.56 3.74
N CYS A 52 -7.67 -5.44 3.31
CA CYS A 52 -7.88 -5.63 1.88
C CYS A 52 -8.46 -4.40 1.19
N LYS A 53 -9.45 -3.78 1.81
CA LYS A 53 -10.04 -2.57 1.20
C LYS A 53 -8.99 -1.45 1.08
N LYS A 54 -8.24 -1.17 2.15
CA LYS A 54 -7.33 -0.03 2.16
C LYS A 54 -6.16 -0.23 1.21
N LEU A 55 -5.74 -1.49 1.05
CA LEU A 55 -4.58 -1.79 0.22
C LEU A 55 -4.97 -2.19 -1.20
N GLY A 56 -6.23 -1.97 -1.55
CA GLY A 56 -6.60 -2.04 -2.95
C GLY A 56 -6.90 -3.39 -3.54
N ALA A 57 -7.30 -4.34 -2.69
CA ALA A 57 -7.65 -5.67 -3.21
C ALA A 57 -8.95 -5.63 -4.01
N THR A 58 -9.02 -6.46 -5.04
CA THR A 58 -10.29 -6.64 -5.75
C THR A 58 -11.22 -7.47 -4.88
N GLU A 59 -12.50 -7.51 -5.23
CA GLU A 59 -13.43 -8.38 -4.50
C GLU A 59 -12.94 -9.84 -4.47
N GLU A 60 -12.47 -10.36 -5.61
CA GLU A 60 -12.00 -11.74 -5.65
C GLU A 60 -10.72 -11.97 -4.79
N GLN A 61 -9.74 -11.06 -4.89
CA GLN A 61 -8.57 -11.13 -4.00
C GLN A 61 -8.95 -11.11 -2.54
N THR A 62 -9.96 -10.31 -2.23
CA THR A 62 -10.43 -10.17 -0.86
C THR A 62 -11.05 -11.48 -0.36
N ARG A 63 -11.84 -12.13 -1.22
CA ARG A 63 -12.45 -13.42 -0.93
C ARG A 63 -11.40 -14.53 -0.69
N ARG A 64 -10.41 -14.58 -1.58
CA ARG A 64 -9.35 -15.58 -1.41
C ARG A 64 -8.60 -15.36 -0.07
N HIS A 65 -8.23 -14.10 0.19
CA HIS A 65 -7.54 -13.76 1.43
C HIS A 65 -8.41 -14.13 2.65
N GLN A 66 -9.72 -13.88 2.56
CA GLN A 66 -10.57 -14.12 3.70
C GLN A 66 -10.62 -15.60 4.00
N LYS A 67 -10.73 -16.44 2.97
CA LYS A 67 -10.74 -17.87 3.23
C LYS A 67 -9.44 -18.29 3.91
N CYS A 68 -8.31 -17.75 3.44
CA CYS A 68 -7.05 -18.11 4.13
C CYS A 68 -7.01 -17.70 5.61
N VAL A 69 -7.54 -16.53 5.92
CA VAL A 69 -7.58 -16.09 7.32
C VAL A 69 -8.54 -16.95 8.19
N GLU A 70 -9.70 -17.27 7.63
CA GLU A 70 -10.63 -18.18 8.27
C GLU A 70 -9.93 -19.47 8.62
N ASP A 71 -9.20 -20.02 7.66
CA ASP A 71 -8.57 -21.33 7.87
C ASP A 71 -7.43 -21.26 8.91
N PHE A 72 -6.64 -20.20 8.83
CA PHE A 72 -5.52 -20.02 9.74
C PHE A 72 -6.02 -19.89 11.19
N PHE A 73 -6.91 -18.91 11.46
CA PHE A 73 -7.34 -18.74 12.83
C PHE A 73 -8.25 -19.85 13.28
N GLY A 74 -9.01 -20.44 12.35
CA GLY A 74 -9.80 -21.63 12.64
C GLY A 74 -8.93 -22.80 13.10
N GLY A 75 -7.74 -22.92 12.51
CA GLY A 75 -6.79 -23.93 12.92
C GLY A 75 -6.27 -23.71 14.34
N ALA A 76 -6.33 -22.47 14.83
CA ALA A 76 -6.01 -22.20 16.23
C ALA A 76 -7.28 -22.27 17.12
N GLY A 77 -8.42 -22.68 16.56
CA GLY A 77 -9.63 -22.86 17.35
C GLY A 77 -10.62 -21.72 17.38
N LEU A 78 -10.36 -20.63 16.69
CA LEU A 78 -11.34 -19.55 16.64
C LEU A 78 -12.52 -19.93 15.76
N GLU A 79 -13.70 -19.39 16.08
CA GLU A 79 -14.90 -19.67 15.31
C GLU A 79 -15.73 -18.40 15.20
N TYR A 80 -16.58 -18.32 14.17
CA TYR A 80 -17.54 -17.21 14.08
C TYR A 80 -18.53 -17.29 15.25
N ASP A 81 -18.84 -16.13 15.83
CA ASP A 81 -19.96 -15.97 16.77
C ASP A 81 -19.72 -16.76 18.05
N LYS A 82 -18.44 -16.94 18.37
CA LYS A 82 -18.02 -17.60 19.60
C LYS A 82 -16.73 -16.95 20.07
N ASP A 83 -16.62 -16.68 21.37
CA ASP A 83 -15.46 -15.95 21.88
C ASP A 83 -14.43 -16.88 22.48
N THR A 84 -13.16 -16.50 22.34
CA THR A 84 -12.03 -17.32 22.78
C THR A 84 -11.16 -16.53 23.76
N THR A 85 -10.92 -17.07 24.95
CA THR A 85 -10.05 -16.42 25.95
C THR A 85 -8.59 -16.90 25.83
N TRP A 86 -7.67 -16.26 26.55
CA TRP A 86 -6.24 -16.59 26.44
C TRP A 86 -5.86 -18.08 26.69
N PRO A 87 -6.29 -18.71 27.83
CA PRO A 87 -5.80 -20.11 27.95
C PRO A 87 -6.26 -21.03 26.81
N GLU A 88 -7.49 -20.78 26.35
CA GLU A 88 -8.02 -21.53 25.22
C GLU A 88 -7.22 -21.22 23.93
N TYR A 89 -6.93 -19.94 23.74
CA TYR A 89 -6.20 -19.47 22.58
C TYR A 89 -4.85 -20.14 22.49
N ILE A 90 -4.09 -20.11 23.60
CA ILE A 90 -2.72 -20.60 23.50
C ILE A 90 -2.72 -22.13 23.35
N GLU A 91 -3.69 -22.84 23.96
CA GLU A 91 -3.77 -24.28 23.66
C GLU A 91 -4.08 -24.58 22.18
N GLY A 92 -4.98 -23.74 21.64
CA GLY A 92 -5.33 -23.87 20.24
C GLY A 92 -4.13 -23.60 19.36
N TRP A 93 -3.26 -22.69 19.78
CA TRP A 93 -2.08 -22.37 18.99
C TRP A 93 -1.06 -23.48 19.07
N LYS A 94 -1.03 -24.22 20.18
CA LYS A 94 -0.14 -25.38 20.19
C LYS A 94 -0.60 -26.36 19.11
N ARG A 95 -1.92 -26.59 19.04
CA ARG A 95 -2.44 -27.46 17.99
C ARG A 95 -2.17 -26.95 16.57
N LEU A 96 -2.35 -25.64 16.35
CA LEU A 96 -2.06 -25.09 15.02
C LEU A 96 -0.60 -25.28 14.63
N ALA A 97 0.30 -24.90 15.54
CA ALA A 97 1.73 -25.01 15.27
C ALA A 97 2.07 -26.47 14.94
N LYS A 98 1.54 -27.43 15.71
CA LYS A 98 1.86 -28.82 15.48
C LYS A 98 1.34 -29.29 14.13
N THR A 99 0.08 -28.95 13.79
N THR A 99 0.12 -28.86 13.83
CA THR A 99 -0.46 -29.45 12.51
CA THR A 99 -0.56 -29.34 12.64
C THR A 99 0.19 -28.78 11.31
C THR A 99 0.13 -28.79 11.38
N GLU A 100 0.58 -27.52 11.46
CA GLU A 100 1.31 -26.87 10.37
C GLU A 100 2.67 -27.51 10.13
N LEU A 101 3.42 -27.75 11.20
CA LEU A 101 4.74 -28.36 11.01
C LEU A 101 4.61 -29.78 10.50
N GLU A 102 3.56 -30.49 10.91
CA GLU A 102 3.32 -31.82 10.36
C GLU A 102 3.00 -31.79 8.84
N ARG A 103 2.16 -30.83 8.45
CA ARG A 103 1.89 -30.62 7.03
CA ARG A 103 1.87 -30.62 7.03
C ARG A 103 3.18 -30.43 6.29
N HIS A 104 4.01 -29.52 6.80
CA HIS A 104 5.26 -29.21 6.09
C HIS A 104 6.17 -30.43 5.98
N SER A 105 6.25 -31.21 7.04
CA SER A 105 7.06 -32.41 7.06
C SER A 105 6.61 -33.42 6.01
N LYS A 106 5.33 -33.37 5.62
CA LYS A 106 4.78 -34.25 4.59
C LYS A 106 4.66 -33.64 3.18
N ASN A 107 5.31 -32.49 2.95
CA ASN A 107 5.27 -31.77 1.68
C ASN A 107 3.86 -31.31 1.31
N ARG A 108 3.06 -31.05 2.34
CA ARG A 108 1.73 -30.48 2.15
C ARG A 108 1.80 -29.00 2.45
N VAL A 109 1.24 -28.16 1.59
CA VAL A 109 1.28 -26.72 1.79
C VAL A 109 0.62 -26.31 3.10
N THR A 110 1.26 -25.34 3.77
CA THR A 110 0.78 -24.86 5.06
C THR A 110 -0.28 -23.80 4.90
N LEU A 111 -1.10 -23.67 5.93
CA LEU A 111 -2.08 -22.58 5.99
C LEU A 111 -1.40 -21.21 5.97
N ILE A 112 -0.25 -21.11 6.61
CA ILE A 112 0.44 -19.81 6.59
C ILE A 112 1.03 -19.50 5.21
N ARG A 113 1.48 -20.51 4.47
CA ARG A 113 1.92 -20.24 3.08
C ARG A 113 0.74 -19.78 2.20
N LEU A 114 -0.41 -20.45 2.33
CA LEU A 114 -1.58 -20.08 1.52
C LEU A 114 -1.98 -18.63 1.80
N TRP A 115 -1.96 -18.26 3.09
CA TRP A 115 -2.22 -16.86 3.47
C TRP A 115 -1.22 -15.89 2.83
N GLY A 116 0.07 -16.21 2.93
CA GLY A 116 1.06 -15.38 2.27
C GLY A 116 0.81 -15.21 0.77
N ASP A 117 0.46 -16.29 0.10
CA ASP A 117 0.23 -16.21 -1.35
C ASP A 117 -0.92 -15.25 -1.62
N ALA A 118 -1.98 -15.37 -0.81
CA ALA A 118 -3.17 -14.52 -1.00
C ALA A 118 -2.89 -13.05 -0.70
N LEU A 119 -2.11 -12.79 0.35
CA LEU A 119 -1.77 -11.42 0.71
C LEU A 119 -0.82 -10.83 -0.33
N PHE A 120 0.20 -11.57 -0.73
CA PHE A 120 1.17 -11.03 -1.69
C PHE A 120 0.51 -10.80 -3.02
N ASP A 121 -0.49 -11.59 -3.37
CA ASP A 121 -1.17 -11.28 -4.64
C ASP A 121 -1.76 -9.87 -4.63
N ILE A 122 -2.16 -9.40 -3.46
CA ILE A 122 -2.64 -8.03 -3.28
C ILE A 122 -1.53 -6.98 -3.18
N ILE A 123 -0.56 -7.21 -2.30
CA ILE A 123 0.39 -6.15 -1.99
C ILE A 123 1.66 -6.12 -2.84
N ASP A 124 1.95 -7.21 -3.54
CA ASP A 124 3.09 -7.25 -4.46
C ASP A 124 2.60 -6.74 -5.80
N LYS A 125 2.93 -5.49 -6.08
CA LYS A 125 2.44 -4.87 -7.31
C LYS A 125 3.15 -5.37 -8.57
N ASP A 126 4.42 -5.79 -8.49
CA ASP A 126 5.11 -6.28 -9.69
C ASP A 126 4.69 -7.69 -10.08
N GLY A 127 4.16 -8.45 -9.12
CA GLY A 127 3.61 -9.75 -9.43
C GLY A 127 4.56 -10.95 -9.47
N ASN A 128 5.77 -10.83 -8.91
CA ASN A 128 6.70 -11.96 -8.97
C ASN A 128 6.79 -12.79 -7.69
N GLY A 129 5.85 -12.57 -6.78
CA GLY A 129 5.80 -13.24 -5.51
C GLY A 129 6.68 -12.61 -4.44
N SER A 130 7.08 -11.34 -4.61
CA SER A 130 7.97 -10.68 -3.65
C SER A 130 7.53 -9.24 -3.45
N VAL A 131 7.82 -8.67 -2.28
CA VAL A 131 7.39 -7.32 -1.97
C VAL A 131 8.59 -6.42 -1.70
N SER A 132 8.45 -5.15 -2.09
CA SER A 132 9.46 -4.16 -1.74
C SER A 132 9.31 -3.75 -0.28
N LEU A 133 10.32 -3.03 0.22
CA LEU A 133 10.26 -2.44 1.56
C LEU A 133 9.04 -1.56 1.72
N ASP A 134 8.78 -0.69 0.75
CA ASP A 134 7.60 0.16 0.88
C ASP A 134 6.29 -0.61 0.88
N GLU A 135 6.19 -1.71 0.12
CA GLU A 135 4.96 -2.52 0.14
C GLU A 135 4.77 -3.22 1.51
N TRP A 136 5.88 -3.69 2.05
CA TRP A 136 5.81 -4.34 3.36
C TRP A 136 5.47 -3.32 4.47
N ILE A 137 6.03 -2.10 4.43
CA ILE A 137 5.65 -1.06 5.39
C ILE A 137 4.16 -0.77 5.26
N GLN A 138 3.66 -0.67 4.04
CA GLN A 138 2.24 -0.32 3.92
C GLN A 138 1.35 -1.39 4.49
N TYR A 139 1.68 -2.66 4.19
CA TYR A 139 0.86 -3.75 4.75
C TYR A 139 0.96 -3.75 6.28
N THR A 140 2.20 -3.82 6.78
CA THR A 140 2.31 -4.03 8.21
C THR A 140 1.76 -2.84 9.01
N HIS A 141 1.90 -1.62 8.48
CA HIS A 141 1.42 -0.47 9.23
C HIS A 141 -0.10 -0.39 9.15
N CYS A 142 -0.69 -0.83 8.03
CA CYS A 142 -2.17 -0.89 7.95
C CYS A 142 -2.74 -1.97 8.89
N ALA A 143 -2.08 -3.13 8.93
CA ALA A 143 -2.46 -4.20 9.86
C ALA A 143 -2.18 -3.81 11.31
N GLY A 144 -1.21 -2.90 11.48
CA GLY A 144 -0.80 -2.47 12.81
C GLY A 144 0.26 -3.32 13.48
N ILE A 145 0.73 -4.37 12.82
CA ILE A 145 1.64 -5.33 13.44
C ILE A 145 3.08 -4.79 13.48
N GLN A 146 3.41 -3.87 12.59
CA GLN A 146 4.63 -3.03 12.76
C GLN A 146 4.16 -1.60 12.67
N GLN A 147 4.84 -0.68 13.36
CA GLN A 147 4.38 0.72 13.47
C GLN A 147 5.45 1.74 13.11
N SER A 148 6.68 1.30 12.90
CA SER A 148 7.71 2.25 12.47
C SER A 148 8.46 1.69 11.26
N ARG A 149 8.95 2.60 10.42
CA ARG A 149 9.76 2.24 9.25
CA ARG A 149 9.74 2.21 9.24
C ARG A 149 11.01 1.41 9.64
N GLY A 150 11.59 1.71 10.80
CA GLY A 150 12.79 1.01 11.23
C GLY A 150 12.51 -0.46 11.54
N GLN A 151 11.30 -0.76 12.02
CA GLN A 151 10.95 -2.17 12.29
C GLN A 151 10.91 -2.95 10.97
N CYS A 152 10.31 -2.35 9.95
CA CYS A 152 10.23 -3.00 8.64
C CYS A 152 11.61 -3.15 8.01
N GLU A 153 12.45 -2.13 8.18
CA GLU A 153 13.82 -2.24 7.68
C GLU A 153 14.52 -3.42 8.38
N ALA A 154 14.28 -3.58 9.68
CA ALA A 154 14.90 -4.68 10.41
C ALA A 154 14.43 -6.03 9.87
N THR A 155 13.15 -6.13 9.54
CA THR A 155 12.66 -7.35 8.89
C THR A 155 13.44 -7.63 7.59
N PHE A 156 13.64 -6.60 6.76
CA PHE A 156 14.33 -6.84 5.50
C PHE A 156 15.81 -7.18 5.72
N ALA A 157 16.42 -6.57 6.73
CA ALA A 157 17.81 -6.85 7.05
C ALA A 157 17.96 -8.28 7.55
N HIS A 158 16.97 -8.74 8.31
CA HIS A 158 16.99 -10.08 8.84
C HIS A 158 16.83 -11.17 7.79
N CYS A 159 15.88 -10.93 6.88
CA CYS A 159 15.54 -11.95 5.88
C CYS A 159 16.56 -12.04 4.77
N ASP A 160 16.51 -13.15 4.04
N ASP A 160 16.62 -13.15 4.06
CA ASP A 160 17.24 -13.35 2.78
CA ASP A 160 17.42 -13.18 2.84
C ASP A 160 16.44 -12.68 1.66
C ASP A 160 16.54 -12.69 1.71
N LEU A 161 16.97 -11.61 1.09
CA LEU A 161 16.21 -10.94 0.04
C LEU A 161 16.61 -11.45 -1.33
N ASP A 162 15.73 -11.29 -2.31
CA ASP A 162 16.06 -11.77 -3.66
C ASP A 162 17.03 -10.82 -4.37
N GLY A 163 17.32 -11.12 -5.64
CA GLY A 163 18.21 -10.28 -6.43
C GLY A 163 17.84 -8.81 -6.48
N ASP A 164 16.53 -8.52 -6.45
CA ASP A 164 16.05 -7.16 -6.55
C ASP A 164 15.89 -6.47 -5.20
N GLY A 165 16.35 -7.09 -4.11
CA GLY A 165 16.27 -6.45 -2.80
C GLY A 165 14.87 -6.61 -2.19
N LYS A 166 14.13 -7.59 -2.68
CA LYS A 166 12.75 -7.78 -2.23
C LYS A 166 12.55 -9.06 -1.44
N LEU A 167 11.47 -9.07 -0.68
CA LEU A 167 11.13 -10.18 0.20
C LEU A 167 10.17 -11.12 -0.49
N ASP A 168 10.65 -12.32 -0.76
CA ASP A 168 9.82 -13.34 -1.42
C ASP A 168 8.95 -14.10 -0.45
N VAL A 169 7.76 -14.53 -0.90
CA VAL A 169 6.85 -15.27 -0.03
C VAL A 169 7.47 -16.61 0.48
N ASP A 170 8.36 -17.24 -0.27
CA ASP A 170 8.88 -18.50 0.23
C ASP A 170 9.81 -18.23 1.44
N GLU A 171 10.57 -17.13 1.37
CA GLU A 171 11.41 -16.73 2.49
C GLU A 171 10.62 -16.33 3.70
N MET A 172 9.60 -15.50 3.50
CA MET A 172 8.81 -15.12 4.64
C MET A 172 8.06 -16.31 5.24
N THR A 173 7.61 -17.24 4.41
CA THR A 173 7.01 -18.47 4.94
C THR A 173 8.01 -19.28 5.80
N ARG A 174 9.25 -19.46 5.32
CA ARG A 174 10.22 -20.20 6.15
C ARG A 174 10.45 -19.49 7.49
N GLN A 175 10.52 -18.15 7.40
CA GLN A 175 10.73 -17.37 8.62
C GLN A 175 9.55 -17.52 9.57
N HIS A 176 8.33 -17.49 9.04
CA HIS A 176 7.13 -17.65 9.85
C HIS A 176 7.06 -19.02 10.50
N LEU A 177 7.46 -20.07 9.79
CA LEU A 177 7.45 -21.39 10.41
C LEU A 177 8.34 -21.36 11.64
N GLY A 178 9.51 -20.72 11.52
CA GLY A 178 10.42 -20.69 12.68
C GLY A 178 10.03 -19.69 13.77
N PHE A 179 9.24 -18.69 13.43
CA PHE A 179 8.88 -17.63 14.38
C PHE A 179 7.55 -17.90 15.11
N TRP A 180 6.50 -18.27 14.34
CA TRP A 180 5.18 -18.50 14.91
C TRP A 180 5.00 -19.92 15.42
N TYR A 181 5.73 -20.90 14.85
CA TYR A 181 5.47 -22.32 15.18
C TYR A 181 6.58 -23.04 15.95
N SER A 182 7.84 -23.02 15.48
CA SER A 182 8.85 -23.96 16.05
C SER A 182 9.86 -23.34 17.02
N VAL A 183 9.82 -22.00 17.21
CA VAL A 183 10.83 -21.27 18.00
C VAL A 183 12.31 -21.50 17.53
N ASP A 184 12.56 -21.33 16.24
CA ASP A 184 13.88 -21.52 15.65
C ASP A 184 14.75 -20.30 15.97
N SER A 185 15.89 -20.47 16.64
CA SER A 185 16.73 -19.32 17.00
C SER A 185 17.16 -18.46 15.81
N THR A 186 17.25 -19.06 14.63
CA THR A 186 17.71 -18.31 13.46
C THR A 186 16.63 -17.36 12.93
N CYS A 187 15.41 -17.50 13.41
CA CYS A 187 14.31 -16.61 13.04
C CYS A 187 14.04 -15.50 14.06
N GLU A 188 14.81 -15.50 15.14
CA GLU A 188 14.65 -14.47 16.17
C GLU A 188 14.98 -13.12 15.57
N GLY A 189 14.16 -12.10 15.85
CA GLY A 189 14.43 -10.78 15.32
C GLY A 189 13.58 -10.45 14.10
N LEU A 190 12.79 -11.40 13.62
CA LEU A 190 12.05 -11.26 12.35
C LEU A 190 11.22 -9.98 12.21
N TYR A 191 10.59 -9.52 13.31
CA TYR A 191 9.68 -8.37 13.23
C TYR A 191 10.35 -7.13 13.82
N GLY A 192 11.68 -7.14 13.99
CA GLY A 192 12.39 -5.98 14.50
C GLY A 192 11.94 -5.56 15.90
N GLY A 193 11.42 -6.52 16.68
CA GLY A 193 10.91 -6.21 18.01
C GLY A 193 9.46 -5.77 18.03
N ALA A 194 8.85 -5.54 16.87
CA ALA A 194 7.43 -5.10 16.88
C ALA A 194 6.55 -6.18 17.48
N VAL A 195 6.87 -7.43 17.14
CA VAL A 195 6.39 -8.62 17.85
C VAL A 195 7.65 -9.14 18.56
N PRO A 196 7.54 -9.58 19.82
CA PRO A 196 8.76 -9.86 20.56
C PRO A 196 9.65 -11.00 20.07
N TYR A 197 10.96 -10.81 20.29
CA TYR A 197 12.00 -11.78 20.02
C TYR A 197 12.19 -11.93 18.52
N SER B 1 -12.90 10.50 4.89
CA SER B 1 -12.28 11.75 4.40
C SER B 1 -12.04 12.71 5.56
N MET B 2 -12.09 14.01 5.26
CA MET B 2 -12.10 15.06 6.27
C MET B 2 -13.27 16.00 6.03
N GLY B 3 -14.16 15.65 5.11
CA GLY B 3 -15.26 16.54 4.80
C GLY B 3 -14.86 17.61 3.79
N SER B 4 -15.78 18.51 3.46
CA SER B 4 -15.56 19.51 2.43
C SER B 4 -15.04 20.85 2.96
N ARG B 5 -15.08 21.04 4.28
CA ARG B 5 -14.63 22.29 4.89
C ARG B 5 -13.29 22.12 5.60
N TYR B 6 -12.54 21.11 5.16
CA TYR B 6 -11.24 20.83 5.73
C TYR B 6 -10.20 21.81 5.21
N ALA B 7 -9.46 22.43 6.13
CA ALA B 7 -8.41 23.40 5.77
C ALA B 7 -7.12 22.66 5.43
N VAL B 8 -6.61 22.95 4.24
CA VAL B 8 -5.38 22.38 3.72
C VAL B 8 -4.18 22.59 4.67
N LYS B 9 -3.38 21.52 4.82
CA LYS B 9 -2.06 21.62 5.44
C LYS B 9 -1.16 22.46 4.53
N LEU B 10 -0.53 23.49 5.08
CA LEU B 10 0.26 24.38 4.22
C LEU B 10 1.76 24.34 4.43
N ASP B 11 2.25 23.47 5.34
CA ASP B 11 3.69 23.31 5.48
C ASP B 11 4.18 21.99 4.89
N THR B 12 5.48 21.93 4.62
CA THR B 12 6.07 20.83 3.88
C THR B 12 6.74 19.83 4.81
N ASP B 13 7.07 18.66 4.27
CA ASP B 13 7.71 17.61 5.04
C ASP B 13 8.58 16.81 4.09
N PHE B 14 9.55 17.51 3.51
CA PHE B 14 10.29 16.95 2.39
C PHE B 14 11.24 15.84 2.82
N ASP B 15 11.61 15.79 4.09
CA ASP B 15 12.50 14.72 4.53
C ASP B 15 11.76 13.49 5.06
N ASN B 16 10.44 13.50 4.91
CA ASN B 16 9.61 12.35 5.28
C ASN B 16 9.81 11.26 4.24
N PRO B 17 10.19 10.03 4.67
CA PRO B 17 10.39 8.97 3.68
C PRO B 17 9.14 8.65 2.86
N LYS B 18 7.94 8.90 3.37
CA LYS B 18 6.75 8.65 2.55
C LYS B 18 6.67 9.60 1.35
N TRP B 19 7.08 10.86 1.55
CA TRP B 19 7.06 11.85 0.46
C TRP B 19 8.07 11.45 -0.64
N ILE B 20 9.28 11.16 -0.17
CA ILE B 20 10.34 10.71 -1.07
CA ILE B 20 10.35 10.67 -1.04
C ILE B 20 9.89 9.44 -1.81
N ALA B 21 9.28 8.48 -1.11
CA ALA B 21 8.87 7.22 -1.72
C ALA B 21 7.78 7.43 -2.77
N ARG B 22 6.84 8.34 -2.49
CA ARG B 22 5.82 8.65 -3.50
C ARG B 22 6.44 9.14 -4.79
N HIS B 23 7.36 10.10 -4.65
CA HIS B 23 7.94 10.65 -5.88
C HIS B 23 9.00 9.75 -6.54
N LYS B 24 9.69 8.91 -5.77
CA LYS B 24 10.64 7.96 -6.32
C LYS B 24 9.86 6.90 -7.11
N HIS B 25 8.71 6.49 -6.57
CA HIS B 25 7.83 5.58 -7.26
C HIS B 25 7.38 6.19 -8.59
N MET B 26 6.90 7.45 -8.53
CA MET B 26 6.47 8.04 -9.81
C MET B 26 7.61 8.25 -10.79
N PHE B 27 8.79 8.64 -10.32
CA PHE B 27 9.92 8.84 -11.18
C PHE B 27 10.27 7.54 -11.91
N ASN B 28 10.34 6.45 -11.16
CA ASN B 28 10.66 5.15 -11.77
C ASN B 28 9.59 4.67 -12.76
N PHE B 29 8.34 4.96 -12.41
CA PHE B 29 7.20 4.72 -13.30
C PHE B 29 7.29 5.48 -14.63
N LEU B 30 7.62 6.78 -14.54
CA LEU B 30 7.74 7.64 -15.69
C LEU B 30 9.01 7.37 -16.51
N ASP B 31 10.03 6.80 -15.86
CA ASP B 31 11.27 6.40 -16.52
C ASP B 31 11.01 5.07 -17.20
N ILE B 32 10.33 5.19 -18.33
CA ILE B 32 9.76 4.05 -19.02
C ILE B 32 10.85 3.14 -19.56
N ASN B 33 12.03 3.71 -19.85
CA ASN B 33 13.14 2.90 -20.35
C ASN B 33 14.22 2.64 -19.32
N SER B 34 13.90 2.94 -18.07
CA SER B 34 14.78 2.75 -16.91
C SER B 34 16.22 3.19 -17.13
N ASN B 35 16.40 4.37 -17.70
CA ASN B 35 17.76 4.87 -17.92
C ASN B 35 18.12 6.00 -16.94
N GLY B 36 17.27 6.21 -15.93
CA GLY B 36 17.54 7.20 -14.90
C GLY B 36 17.22 8.65 -15.25
N GLN B 37 16.53 8.86 -16.37
CA GLN B 37 16.14 10.22 -16.70
C GLN B 37 14.80 10.30 -17.40
N ILE B 38 14.14 11.45 -17.28
CA ILE B 38 12.88 11.73 -17.97
C ILE B 38 12.93 13.14 -18.55
N ASN B 39 12.01 13.43 -19.46
CA ASN B 39 11.92 14.78 -19.99
C ASN B 39 10.50 15.19 -20.24
N LEU B 40 10.30 16.45 -20.55
CA LEU B 40 8.94 16.92 -20.72
C LEU B 40 8.26 16.34 -21.97
N ASN B 41 9.04 16.08 -23.03
CA ASN B 41 8.49 15.48 -24.25
C ASN B 41 7.75 14.17 -23.91
N GLU B 42 8.36 13.33 -23.08
CA GLU B 42 7.74 12.06 -22.69
C GLU B 42 6.46 12.26 -21.88
N MET B 43 6.45 13.26 -21.00
CA MET B 43 5.26 13.51 -20.23
C MET B 43 4.10 13.93 -21.11
N VAL B 44 4.42 14.77 -22.08
CA VAL B 44 3.39 15.28 -22.96
C VAL B 44 2.96 14.23 -23.98
N HIS B 45 3.87 13.38 -24.44
CA HIS B 45 3.47 12.28 -25.29
C HIS B 45 2.46 11.46 -24.56
N LYS B 46 2.80 11.09 -23.32
CA LYS B 46 1.88 10.30 -22.51
C LYS B 46 0.50 11.01 -22.35
N ALA B 47 0.52 12.28 -21.98
CA ALA B 47 -0.70 13.02 -21.77
C ALA B 47 -1.57 13.15 -23.01
N SER B 48 -0.96 13.56 -24.13
CA SER B 48 -1.72 13.91 -25.33
C SER B 48 -1.97 12.76 -26.29
N ASN B 49 -0.95 11.96 -26.54
CA ASN B 49 -1.07 10.91 -27.55
C ASN B 49 -1.62 9.60 -27.00
N ILE B 50 -1.49 9.38 -25.70
CA ILE B 50 -2.02 8.16 -25.11
C ILE B 50 -3.32 8.46 -24.34
N ILE B 51 -3.21 9.21 -23.26
CA ILE B 51 -4.37 9.45 -22.39
C ILE B 51 -5.52 10.24 -23.10
N CYS B 52 -5.23 11.40 -23.67
CA CYS B 52 -6.30 12.20 -24.27
C CYS B 52 -6.91 11.52 -25.49
N LYS B 53 -6.09 10.94 -26.35
CA LYS B 53 -6.61 10.28 -27.53
C LYS B 53 -7.49 9.10 -27.14
N LYS B 54 -7.02 8.25 -26.22
CA LYS B 54 -7.74 7.02 -25.94
C LYS B 54 -9.04 7.27 -25.19
N LEU B 55 -9.06 8.32 -24.40
CA LEU B 55 -10.23 8.60 -23.56
C LEU B 55 -11.13 9.63 -24.25
N GLY B 56 -10.87 9.87 -25.53
CA GLY B 56 -11.86 10.58 -26.35
C GLY B 56 -11.87 12.08 -26.27
N ALA B 57 -10.75 12.68 -25.89
CA ALA B 57 -10.70 14.13 -25.84
C ALA B 57 -10.78 14.77 -27.23
N THR B 58 -11.42 15.94 -27.33
CA THR B 58 -11.37 16.69 -28.58
C THR B 58 -9.98 17.29 -28.74
N GLU B 59 -9.70 17.80 -29.93
CA GLU B 59 -8.45 18.54 -30.16
C GLU B 59 -8.25 19.68 -29.15
N GLU B 60 -9.31 20.46 -28.92
CA GLU B 60 -9.24 21.57 -28.00
C GLU B 60 -9.03 21.13 -26.53
N GLN B 61 -9.79 20.13 -26.09
CA GLN B 61 -9.58 19.57 -24.76
C GLN B 61 -8.15 19.03 -24.61
N THR B 62 -7.63 18.45 -25.67
CA THR B 62 -6.29 17.89 -25.62
C THR B 62 -5.25 19.00 -25.45
N ARG B 63 -5.43 20.10 -26.15
CA ARG B 63 -4.54 21.30 -26.06
C ARG B 63 -4.60 21.93 -24.65
N ARG B 64 -5.78 22.06 -24.10
CA ARG B 64 -5.90 22.62 -22.76
C ARG B 64 -5.18 21.70 -21.74
N HIS B 65 -5.45 20.42 -21.85
CA HIS B 65 -4.81 19.45 -20.96
C HIS B 65 -3.27 19.49 -21.10
N GLN B 66 -2.80 19.59 -22.34
CA GLN B 66 -1.35 19.59 -22.57
C GLN B 66 -0.69 20.79 -21.92
N LYS B 67 -1.31 21.97 -22.03
CA LYS B 67 -0.76 23.14 -21.39
C LYS B 67 -0.69 22.95 -19.88
N CYS B 68 -1.75 22.37 -19.30
CA CYS B 68 -1.66 22.12 -17.86
C CYS B 68 -0.53 21.14 -17.46
N VAL B 69 -0.31 20.12 -18.26
CA VAL B 69 0.77 19.17 -17.99
C VAL B 69 2.16 19.81 -18.15
N GLU B 70 2.33 20.60 -19.21
CA GLU B 70 3.54 21.37 -19.41
C GLU B 70 3.79 22.20 -18.17
N ASP B 71 2.78 22.91 -17.68
CA ASP B 71 3.02 23.83 -16.56
C ASP B 71 3.34 23.09 -15.24
N PHE B 72 2.61 22.00 -15.01
CA PHE B 72 2.82 21.21 -13.81
C PHE B 72 4.24 20.62 -13.79
N PHE B 73 4.62 19.87 -14.84
CA PHE B 73 5.96 19.27 -14.77
C PHE B 73 7.05 20.31 -14.95
N GLY B 74 6.79 21.39 -15.69
CA GLY B 74 7.70 22.52 -15.80
C GLY B 74 7.97 23.15 -14.43
N GLY B 75 6.96 23.15 -13.57
CA GLY B 75 7.11 23.65 -12.21
C GLY B 75 8.02 22.79 -11.35
N ALA B 76 8.17 21.52 -11.72
CA ALA B 76 9.14 20.62 -11.08
C ALA B 76 10.48 20.62 -11.82
N GLY B 77 10.63 21.49 -12.83
CA GLY B 77 11.90 21.65 -13.52
C GLY B 77 12.13 20.89 -14.81
N LEU B 78 11.15 20.14 -15.27
CA LEU B 78 11.30 19.45 -16.54
C LEU B 78 11.20 20.44 -17.70
N GLU B 79 11.90 20.12 -18.79
CA GLU B 79 11.90 20.97 -19.99
C GLU B 79 11.87 20.09 -21.21
N TYR B 80 11.37 20.64 -22.33
CA TYR B 80 11.47 19.92 -23.61
C TYR B 80 12.90 19.74 -24.02
N ASP B 81 13.23 18.56 -24.56
CA ASP B 81 14.50 18.33 -25.27
C ASP B 81 15.69 18.45 -24.31
N LYS B 82 15.41 18.17 -23.04
CA LYS B 82 16.39 18.19 -21.96
C LYS B 82 16.04 17.12 -20.93
N ASP B 83 17.03 16.35 -20.46
CA ASP B 83 16.75 15.22 -19.58
C ASP B 83 17.03 15.54 -18.13
N THR B 84 16.23 14.94 -17.26
CA THR B 84 16.27 15.20 -15.81
C THR B 84 16.50 13.92 -15.04
N THR B 85 17.55 13.86 -14.22
CA THR B 85 17.80 12.70 -13.37
C THR B 85 17.15 12.81 -12.00
N TRP B 86 17.12 11.72 -11.23
CA TRP B 86 16.46 11.69 -9.94
C TRP B 86 16.88 12.81 -8.95
N PRO B 87 18.20 13.01 -8.66
CA PRO B 87 18.46 14.06 -7.65
C PRO B 87 17.95 15.47 -8.06
N GLU B 88 18.04 15.75 -9.35
CA GLU B 88 17.51 16.99 -9.90
C GLU B 88 15.98 17.02 -9.80
N TYR B 89 15.37 15.89 -10.12
CA TYR B 89 13.93 15.76 -10.10
C TYR B 89 13.37 16.07 -8.73
N ILE B 90 13.93 15.42 -7.70
CA ILE B 90 13.36 15.53 -6.39
C ILE B 90 13.63 16.93 -5.83
N GLU B 91 14.77 17.53 -6.17
CA GLU B 91 14.92 18.96 -5.78
C GLU B 91 13.87 19.88 -6.45
N GLY B 92 13.61 19.62 -7.72
CA GLY B 92 12.61 20.38 -8.45
C GLY B 92 11.23 20.18 -7.82
N TRP B 93 10.95 18.98 -7.32
CA TRP B 93 9.65 18.70 -6.72
C TRP B 93 9.52 19.41 -5.37
N LYS B 94 10.62 19.62 -4.64
CA LYS B 94 10.52 20.43 -3.44
C LYS B 94 10.08 21.83 -3.85
N ARG B 95 10.70 22.37 -4.90
CA ARG B 95 10.26 23.70 -5.33
C ARG B 95 8.79 23.76 -5.82
N LEU B 96 8.37 22.74 -6.57
CA LEU B 96 6.97 22.70 -7.02
C LEU B 96 6.02 22.66 -5.85
N ALA B 97 6.26 21.76 -4.89
CA ALA B 97 5.38 21.60 -3.73
C ALA B 97 5.29 22.92 -3.00
N LYS B 98 6.43 23.57 -2.77
CA LYS B 98 6.43 24.83 -2.04
C LYS B 98 5.66 25.92 -2.79
N THR B 99 5.88 26.04 -4.10
CA THR B 99 5.26 27.09 -4.89
CA THR B 99 5.22 27.12 -4.86
C THR B 99 3.73 26.89 -4.96
N GLU B 100 3.31 25.62 -5.07
CA GLU B 100 1.89 25.29 -5.10
C GLU B 100 1.20 25.61 -3.78
N LEU B 101 1.82 25.22 -2.67
CA LEU B 101 1.22 25.50 -1.37
C LEU B 101 1.17 26.99 -1.10
N GLU B 102 2.19 27.72 -1.54
CA GLU B 102 2.14 29.17 -1.41
C GLU B 102 1.00 29.80 -2.25
N ARG B 103 0.82 29.32 -3.48
CA ARG B 103 -0.30 29.78 -4.31
CA ARG B 103 -0.31 29.77 -4.32
C ARG B 103 -1.59 29.60 -3.54
N HIS B 104 -1.77 28.39 -3.02
CA HIS B 104 -3.02 28.08 -2.33
C HIS B 104 -3.23 28.96 -1.12
N SER B 105 -2.16 29.21 -0.36
CA SER B 105 -2.24 30.07 0.81
C SER B 105 -2.66 31.48 0.47
N LYS B 106 -2.37 31.93 -0.77
CA LYS B 106 -2.78 33.26 -1.22
C LYS B 106 -4.07 33.31 -2.06
N ASN B 107 -4.84 32.21 -2.05
CA ASN B 107 -6.07 32.08 -2.83
C ASN B 107 -5.85 32.18 -4.34
N ARG B 108 -4.68 31.75 -4.80
CA ARG B 108 -4.37 31.68 -6.21
C ARG B 108 -4.50 30.23 -6.65
N VAL B 109 -5.18 29.97 -7.77
CA VAL B 109 -5.41 28.60 -8.21
C VAL B 109 -4.08 27.88 -8.45
N THR B 110 -4.06 26.61 -8.04
CA THR B 110 -2.87 25.78 -8.19
C THR B 110 -2.80 25.13 -9.56
N LEU B 111 -1.57 24.80 -9.97
CA LEU B 111 -1.34 24.08 -11.20
C LEU B 111 -2.01 22.70 -11.18
N ILE B 112 -2.03 22.04 -10.04
CA ILE B 112 -2.66 20.74 -9.94
CA ILE B 112 -2.64 20.73 -10.04
C ILE B 112 -4.18 20.87 -10.08
N ARG B 113 -4.74 21.96 -9.55
CA ARG B 113 -6.20 22.16 -9.75
C ARG B 113 -6.53 22.40 -11.23
N LEU B 114 -5.75 23.23 -11.91
CA LEU B 114 -5.98 23.49 -13.34
C LEU B 114 -5.91 22.19 -14.14
N TRP B 115 -4.91 21.35 -13.82
CA TRP B 115 -4.78 20.03 -14.47
C TRP B 115 -6.03 19.20 -14.22
N GLY B 116 -6.48 19.12 -12.97
CA GLY B 116 -7.71 18.41 -12.70
C GLY B 116 -8.91 18.90 -13.50
N ASP B 117 -9.06 20.21 -13.59
CA ASP B 117 -10.20 20.77 -14.33
C ASP B 117 -10.12 20.31 -15.78
N ALA B 118 -8.93 20.38 -16.34
CA ALA B 118 -8.75 19.99 -17.74
C ALA B 118 -8.99 18.51 -18.00
N LEU B 119 -8.54 17.66 -17.06
CA LEU B 119 -8.71 16.24 -17.20
C LEU B 119 -10.18 15.88 -17.02
N PHE B 120 -10.82 16.43 -15.98
CA PHE B 120 -12.21 16.10 -15.70
C PHE B 120 -13.10 16.58 -16.83
N ASP B 121 -12.74 17.67 -17.50
CA ASP B 121 -13.58 18.04 -18.65
C ASP B 121 -13.64 16.95 -19.71
N ILE B 122 -12.56 16.19 -19.82
CA ILE B 122 -12.52 15.03 -20.71
C ILE B 122 -13.22 13.79 -20.15
N ILE B 123 -12.87 13.39 -18.92
CA ILE B 123 -13.31 12.10 -18.42
C ILE B 123 -14.65 12.08 -17.65
N ASP B 124 -15.08 13.26 -17.19
CA ASP B 124 -16.40 13.39 -16.55
C ASP B 124 -17.44 13.62 -17.63
N LYS B 125 -18.13 12.53 -17.97
CA LYS B 125 -19.10 12.58 -19.05
C LYS B 125 -20.40 13.33 -18.68
N ASP B 126 -20.81 13.32 -17.41
CA ASP B 126 -22.04 14.05 -17.04
C ASP B 126 -21.82 15.58 -16.97
N GLY B 127 -20.58 16.00 -16.78
CA GLY B 127 -20.24 17.41 -16.86
C GLY B 127 -20.42 18.26 -15.61
N ASN B 128 -20.54 17.64 -14.44
CA ASN B 128 -20.75 18.42 -13.21
C ASN B 128 -19.51 18.62 -12.35
N GLY B 129 -18.35 18.30 -12.92
CA GLY B 129 -17.07 18.42 -12.25
C GLY B 129 -16.72 17.24 -11.37
N SER B 130 -17.38 16.10 -11.59
CA SER B 130 -17.14 14.91 -10.76
C SER B 130 -17.12 13.66 -11.64
N VAL B 131 -16.39 12.65 -11.21
CA VAL B 131 -16.30 11.42 -12.00
C VAL B 131 -16.85 10.20 -11.25
N SER B 132 -17.43 9.27 -11.99
CA SER B 132 -17.85 8.02 -11.40
C SER B 132 -16.66 7.10 -11.18
N LEU B 133 -16.88 6.01 -10.43
CA LEU B 133 -15.84 4.99 -10.25
C LEU B 133 -15.34 4.44 -11.59
N ASP B 134 -16.27 4.12 -12.48
CA ASP B 134 -15.83 3.60 -13.79
C ASP B 134 -15.03 4.60 -14.60
N GLU B 135 -15.37 5.89 -14.53
CA GLU B 135 -14.57 6.92 -15.22
C GLU B 135 -13.15 7.03 -14.62
N TRP B 136 -13.07 6.95 -13.29
CA TRP B 136 -11.76 7.03 -12.63
C TRP B 136 -10.92 5.77 -12.96
N ILE B 137 -11.51 4.57 -12.98
CA ILE B 137 -10.79 3.37 -13.39
C ILE B 137 -10.26 3.54 -14.82
N GLN B 138 -11.10 4.05 -15.71
CA GLN B 138 -10.63 4.14 -17.11
C GLN B 138 -9.47 5.12 -17.20
N TYR B 139 -9.55 6.27 -16.52
CA TYR B 139 -8.43 7.20 -16.58
C TYR B 139 -7.17 6.58 -15.96
N THR B 140 -7.27 6.12 -14.70
CA THR B 140 -6.06 5.69 -14.01
C THR B 140 -5.44 4.46 -14.68
N HIS B 141 -6.26 3.59 -15.23
CA HIS B 141 -5.70 2.40 -15.84
C HIS B 141 -5.07 2.74 -17.19
N CYS B 142 -5.62 3.73 -17.90
CA CYS B 142 -4.99 4.19 -19.16
C CYS B 142 -3.67 4.90 -18.87
N ALA B 143 -3.66 5.74 -17.85
CA ALA B 143 -2.42 6.39 -17.43
C ALA B 143 -1.42 5.39 -16.84
N GLY B 144 -1.94 4.29 -16.31
CA GLY B 144 -1.11 3.28 -15.64
C GLY B 144 -0.83 3.51 -14.15
N ILE B 145 -1.35 4.59 -13.58
N ILE B 145 -1.28 4.62 -13.58
CA ILE B 145 -1.02 4.97 -12.21
CA ILE B 145 -1.01 4.89 -12.16
C ILE B 145 -1.77 4.11 -11.16
C ILE B 145 -1.64 3.83 -11.30
N GLN B 146 -2.91 3.55 -11.55
CA GLN B 146 -3.57 2.44 -10.82
C GLN B 146 -3.80 1.34 -11.82
N GLN B 147 -3.77 0.09 -11.36
CA GLN B 147 -3.83 -1.02 -12.32
C GLN B 147 -4.86 -2.08 -11.95
N SER B 148 -5.47 -1.93 -10.78
CA SER B 148 -6.58 -2.84 -10.44
C SER B 148 -7.79 -2.06 -9.99
N ARG B 149 -8.96 -2.65 -10.24
CA ARG B 149 -10.23 -2.07 -9.82
CA ARG B 149 -10.22 -2.06 -9.82
C ARG B 149 -10.27 -1.81 -8.31
N GLY B 150 -9.62 -2.69 -7.54
CA GLY B 150 -9.66 -2.54 -6.08
C GLY B 150 -8.91 -1.30 -5.61
N GLN B 151 -7.86 -0.91 -6.35
CA GLN B 151 -7.12 0.31 -5.98
C GLN B 151 -8.00 1.55 -6.17
N CYS B 152 -8.74 1.55 -7.27
CA CYS B 152 -9.66 2.65 -7.54
C CYS B 152 -10.81 2.70 -6.54
N GLU B 153 -11.31 1.51 -6.17
CA GLU B 153 -12.34 1.45 -5.13
C GLU B 153 -11.78 2.02 -3.82
N ALA B 154 -10.53 1.72 -3.51
CA ALA B 154 -9.92 2.27 -2.30
C ALA B 154 -9.84 3.81 -2.36
N THR B 155 -9.49 4.34 -3.53
CA THR B 155 -9.52 5.80 -3.68
C THR B 155 -10.91 6.39 -3.38
N PHE B 156 -11.96 5.77 -3.94
CA PHE B 156 -13.30 6.29 -3.70
C PHE B 156 -13.74 6.14 -2.21
N ALA B 157 -13.28 5.05 -1.58
CA ALA B 157 -13.62 4.81 -0.16
C ALA B 157 -12.93 5.84 0.72
N HIS B 158 -11.70 6.17 0.34
CA HIS B 158 -10.88 7.15 1.07
C HIS B 158 -11.45 8.54 0.99
N CYS B 159 -11.87 8.93 -0.22
CA CYS B 159 -12.30 10.30 -0.44
C CYS B 159 -13.69 10.57 0.04
N ASP B 160 -14.00 11.85 0.21
CA ASP B 160 -15.34 12.33 0.44
C ASP B 160 -16.09 12.42 -0.86
N LEU B 161 -17.09 11.56 -1.06
CA LEU B 161 -17.80 11.60 -2.33
C LEU B 161 -19.03 12.50 -2.28
N ASP B 162 -19.47 12.98 -3.44
CA ASP B 162 -20.64 13.87 -3.47
C ASP B 162 -21.95 13.09 -3.30
N GLY B 163 -23.06 13.82 -3.41
CA GLY B 163 -24.39 13.22 -3.28
C GLY B 163 -24.61 12.00 -4.16
N ASP B 164 -24.04 12.04 -5.36
CA ASP B 164 -24.23 10.98 -6.35
C ASP B 164 -23.20 9.85 -6.29
N GLY B 165 -22.34 9.84 -5.27
CA GLY B 165 -21.37 8.76 -5.12
C GLY B 165 -20.14 8.99 -6.02
N LYS B 166 -19.97 10.23 -6.43
CA LYS B 166 -18.88 10.55 -7.37
C LYS B 166 -17.80 11.40 -6.76
N LEU B 167 -16.65 11.39 -7.41
CA LEU B 167 -15.46 12.10 -6.95
C LEU B 167 -15.37 13.46 -7.61
N ASP B 168 -15.53 14.52 -6.83
CA ASP B 168 -15.45 15.88 -7.34
C ASP B 168 -14.01 16.40 -7.46
N VAL B 169 -13.76 17.26 -8.44
CA VAL B 169 -12.41 17.79 -8.65
C VAL B 169 -11.93 18.62 -7.42
N ASP B 170 -12.83 19.24 -6.67
CA ASP B 170 -12.34 20.02 -5.53
C ASP B 170 -11.83 19.07 -4.41
N GLU B 171 -12.51 17.96 -4.21
CA GLU B 171 -12.07 16.94 -3.27
C GLU B 171 -10.76 16.32 -3.71
N MET B 172 -10.67 15.93 -4.98
CA MET B 172 -9.44 15.32 -5.42
C MET B 172 -8.27 16.33 -5.36
N THR B 173 -8.54 17.59 -5.62
CA THR B 173 -7.48 18.62 -5.48
C THR B 173 -7.00 18.73 -4.02
N ARG B 174 -7.93 18.74 -3.07
CA ARG B 174 -7.52 18.82 -1.66
C ARG B 174 -6.68 17.61 -1.26
N GLN B 175 -7.12 16.44 -1.75
CA GLN B 175 -6.39 15.23 -1.45
C GLN B 175 -4.98 15.30 -2.06
N HIS B 176 -4.90 15.78 -3.30
CA HIS B 176 -3.62 15.90 -3.97
C HIS B 176 -2.66 16.86 -3.27
N LEU B 177 -3.18 17.98 -2.78
CA LEU B 177 -2.32 18.92 -2.05
C LEU B 177 -1.71 18.17 -0.86
N GLY B 178 -2.52 17.36 -0.17
CA GLY B 178 -1.95 16.64 0.99
C GLY B 178 -1.09 15.43 0.67
N PHE B 179 -1.26 14.87 -0.52
CA PHE B 179 -0.54 13.64 -0.90
C PHE B 179 0.76 13.93 -1.67
N TRP B 180 0.69 14.80 -2.67
CA TRP B 180 1.85 15.10 -3.50
C TRP B 180 2.72 16.21 -2.90
N TYR B 181 2.14 17.12 -2.10
CA TYR B 181 2.89 18.30 -1.66
C TYR B 181 3.22 18.37 -0.17
N SER B 182 2.22 18.22 0.73
CA SER B 182 2.44 18.61 2.15
C SER B 182 2.62 17.43 3.12
N VAL B 183 2.47 16.19 2.65
CA VAL B 183 2.50 14.98 3.50
C VAL B 183 1.48 14.99 4.70
N ASP B 184 0.24 15.28 4.37
CA ASP B 184 -0.85 15.35 5.34
C ASP B 184 -1.31 13.92 5.68
N SER B 185 -1.23 13.53 6.95
CA SER B 185 -1.60 12.17 7.36
C SER B 185 -3.02 11.75 6.96
N THR B 186 -3.90 12.74 6.86
CA THR B 186 -5.30 12.43 6.54
C THR B 186 -5.47 12.08 5.07
N CYS B 187 -4.44 12.31 4.26
CA CYS B 187 -4.49 11.96 2.85
C CYS B 187 -3.79 10.64 2.56
N GLU B 188 -3.22 10.01 3.59
CA GLU B 188 -2.53 8.73 3.39
C GLU B 188 -3.53 7.70 2.94
N GLY B 189 -3.17 6.90 1.95
CA GLY B 189 -4.08 5.88 1.47
C GLY B 189 -4.79 6.26 0.18
N LEU B 190 -4.56 7.48 -0.30
CA LEU B 190 -5.34 8.02 -1.44
C LEU B 190 -5.37 7.17 -2.69
N TYR B 191 -4.26 6.51 -3.03
CA TYR B 191 -4.17 5.74 -4.27
C TYR B 191 -4.30 4.23 -3.99
N GLY B 192 -4.80 3.88 -2.79
CA GLY B 192 -4.99 2.46 -2.47
C GLY B 192 -3.70 1.64 -2.53
N GLY B 193 -2.55 2.27 -2.31
CA GLY B 193 -1.27 1.60 -2.40
C GLY B 193 -0.67 1.56 -3.79
N ALA B 194 -1.42 1.96 -4.82
CA ALA B 194 -0.87 1.93 -6.18
C ALA B 194 0.35 2.85 -6.30
N VAL B 195 0.19 4.00 -5.64
CA VAL B 195 1.32 4.89 -5.32
C VAL B 195 1.50 4.76 -3.80
N PRO B 196 2.75 4.70 -3.31
CA PRO B 196 2.84 4.35 -1.90
C PRO B 196 2.29 5.34 -0.87
N TYR B 197 1.81 4.76 0.23
CA TYR B 197 1.32 5.46 1.40
C TYR B 197 -0.03 6.13 1.12
N1 CZH C . -0.01 -10.58 9.37
C2 CZH C . 1.08 -11.39 8.57
C3 CZH C . 1.28 -12.53 9.59
N4 CZH C . 0.46 -12.32 10.59
C5 CZH C . 0.34 -13.18 11.76
C6 CZH C . -0.55 -12.85 12.74
N7 CZH C . -1.33 -11.65 12.63
C8 CZH C . -1.22 -10.88 11.55
C9 CZH C . -0.25 -11.26 10.52
C10 CZH C . 0.47 -11.82 7.24
C11 CZH C . 1.44 -12.59 6.41
C12 CZH C . 2.51 -11.96 5.81
C13 CZH C . 3.43 -12.69 5.06
C14 CZH C . 3.24 -14.06 4.90
C15 CZH C . 2.15 -14.72 5.48
C16 CZH C . 1.25 -13.97 6.25
O17 CZH C . 4.14 -14.77 4.16
O18 CZH C . 2.08 -13.48 9.46
C19 CZH C . -0.65 -13.63 14.01
C20 CZH C . -1.75 -13.38 14.83
C21 CZH C . -1.90 -14.03 16.06
C22 CZH C . -0.89 -14.86 16.51
C23 CZH C . 0.25 -15.07 15.74
C24 CZH C . 0.38 -14.46 14.49
O25 CZH C . -1.02 -15.43 17.76
C26 CZH C . -2.00 -9.62 11.38
C27 CZH C . -3.42 -9.93 11.11
C28 CZH C . -4.21 -10.42 12.14
C29 CZH C . -5.53 -10.70 11.89
C30 CZH C . -6.08 -10.45 10.64
C31 CZH C . -5.30 -9.96 9.62
C32 CZH C . -3.97 -9.69 9.85
O33 CZH C . 2.26 -10.66 8.43
O34 CZH C . 2.65 -10.04 9.50
N1 CZH D . -2.39 11.61 -13.04
C2 CZH D . -3.37 12.38 -12.08
C3 CZH D . -2.33 12.92 -11.07
N4 CZH D . -1.14 12.57 -11.51
C5 CZH D . 0.10 12.87 -10.85
C6 CZH D . 1.28 12.44 -11.41
N7 CZH D . 1.24 11.61 -12.58
C8 CZH D . 0.09 11.31 -13.16
C9 CZH D . -1.14 11.82 -12.58
C10 CZH D . -4.10 13.45 -12.88
C11 CZH D . -5.05 14.23 -12.05
C12 CZH D . -4.75 15.55 -11.67
C13 CZH D . -5.62 16.27 -10.86
C14 CZH D . -6.81 15.68 -10.45
C15 CZH D . -7.10 14.34 -10.81
C16 CZH D . -6.22 13.64 -11.61
O17 CZH D . -7.69 16.37 -9.65
O18 CZH D . -2.61 13.60 -10.08
C19 CZH D . 2.61 12.64 -10.76
C20 CZH D . 3.75 12.35 -11.52
C21 CZH D . 5.01 12.48 -10.93
C22 CZH D . 5.15 12.79 -9.58
C23 CZH D . 4.00 13.01 -8.79
C24 CZH D . 2.74 12.92 -9.39
O25 CZH D . 6.40 12.81 -9.02
C26 CZH D . -0.01 10.46 -14.40
C27 CZH D . 0.54 11.20 -15.58
C28 CZH D . 1.89 11.44 -15.68
C29 CZH D . 2.35 12.11 -16.79
C30 CZH D . 1.48 12.55 -17.80
C31 CZH D . 0.12 12.29 -17.69
C32 CZH D . -0.34 11.61 -16.58
O33 CZH D . -4.24 11.50 -11.44
O34 CZH D . -3.67 10.50 -10.84
#